data_7JR6
#
_entry.id   7JR6
#
_cell.length_a   48.872
_cell.length_b   67.997
_cell.length_c   69.096
_cell.angle_alpha   90.000
_cell.angle_beta   96.831
_cell.angle_gamma   90.000
#
_symmetry.space_group_name_H-M   'P 1 21 1'
#
loop_
_entity.id
_entity.type
_entity.pdbx_description
1 polymer 'Hematopoietic prostaglandin D synthase'
2 non-polymer GLUTATHIONE
3 non-polymer 1-(3-fluorophenyl)-N-[trans-4-(2-hydroxypropan-2-yl)cyclohexyl]-1,4,6,7-tetrahydro-5H-pyrazolo[4,3-c]pyridine-5-carboxamide
4 non-polymer 'MAGNESIUM ION'
5 non-polymer 'SODIUM ION'
6 water water
#
_entity_poly.entity_id   1
_entity_poly.type   'polypeptide(L)'
_entity_poly.pdbx_seq_one_letter_code
;GMPNYKLTYFNMRGRAEIIRYIFAYLDIQYEDHRIEQADWPEIKSTLPFGKIPILEVDGLTLHQSLAIARYLTKNTDLAG
NTEMEQCHVDAIVDTLDDFMSCFPWAEKKQDVKEQMFNELLTYNAPHLMQDLDTYLGGREWLIGNSVTWADFYWEICSTT
LLVFKPDLLDNHPRLVTLRKKVQAIPAVANWIKRRPQTKL
;
_entity_poly.pdbx_strand_id   A,B
#
# COMPACT_ATOMS: atom_id res chain seq x y z
N GLY A 1 -22.87 -23.02 -3.40
CA GLY A 1 -22.07 -22.91 -2.14
C GLY A 1 -21.35 -21.58 -2.05
N MET A 2 -20.71 -21.34 -0.90
CA MET A 2 -19.95 -20.12 -0.67
C MET A 2 -18.74 -20.44 0.18
N PRO A 3 -17.64 -19.72 0.03
CA PRO A 3 -16.49 -19.95 0.91
C PRO A 3 -16.75 -19.43 2.31
N ASN A 4 -16.19 -20.13 3.28
CA ASN A 4 -16.29 -19.72 4.68
C ASN A 4 -15.23 -18.67 4.98
N TYR A 5 -15.67 -17.53 5.51
CA TYR A 5 -14.84 -16.37 5.76
C TYR A 5 -14.80 -16.07 7.25
N LYS A 6 -13.60 -15.82 7.78
CA LYS A 6 -13.40 -15.47 9.19
C LYS A 6 -12.41 -14.30 9.26
N LEU A 7 -12.90 -13.16 9.73
CA LEU A 7 -12.09 -11.95 9.87
C LEU A 7 -11.69 -11.77 11.33
N THR A 8 -10.40 -11.48 11.57
CA THR A 8 -9.90 -11.22 12.90
C THR A 8 -9.27 -9.84 12.96
N TYR A 9 -9.69 -9.04 13.95
CA TYR A 9 -9.15 -7.71 14.20
C TYR A 9 -9.55 -7.32 15.62
N PHE A 10 -9.08 -6.15 16.05
CA PHE A 10 -9.55 -5.60 17.32
C PHE A 10 -11.00 -5.14 17.21
N ASN A 11 -11.60 -4.82 18.37
CA ASN A 11 -12.94 -4.26 18.42
C ASN A 11 -12.85 -2.76 18.12
N MET A 12 -12.71 -2.47 16.84
CA MET A 12 -12.71 -1.10 16.32
C MET A 12 -12.82 -1.21 14.81
N ARG A 13 -13.21 -0.11 14.19
CA ARG A 13 -13.22 -0.04 12.72
C ARG A 13 -11.80 -0.19 12.19
N GLY A 14 -10.92 0.75 12.56
CA GLY A 14 -9.51 0.66 12.23
C GLY A 14 -9.23 0.22 10.80
N ARG A 15 -8.24 -0.67 10.65
CA ARG A 15 -7.86 -1.17 9.34
C ARG A 15 -8.72 -2.30 8.82
N ALA A 16 -9.69 -2.78 9.62
CA ALA A 16 -10.55 -3.87 9.17
C ALA A 16 -11.84 -3.41 8.52
N GLU A 17 -12.24 -2.17 8.76
CA GLU A 17 -13.57 -1.72 8.34
C GLU A 17 -13.75 -1.80 6.83
N ILE A 18 -12.70 -1.52 6.06
CA ILE A 18 -12.81 -1.59 4.60
C ILE A 18 -13.25 -2.98 4.17
N ILE A 19 -12.66 -4.01 4.80
CA ILE A 19 -13.09 -5.38 4.53
C ILE A 19 -14.55 -5.56 4.93
N ARG A 20 -14.94 -5.03 6.08
CA ARG A 20 -16.32 -5.19 6.54
C ARG A 20 -17.30 -4.51 5.59
N TYR A 21 -16.96 -3.33 5.07
CA TYR A 21 -17.82 -2.69 4.09
C TYR A 21 -17.97 -3.58 2.85
N ILE A 22 -16.88 -4.20 2.41
CA ILE A 22 -16.93 -4.99 1.18
C ILE A 22 -17.82 -6.22 1.38
N PHE A 23 -17.69 -6.90 2.52
CA PHE A 23 -18.57 -8.03 2.81
C PHE A 23 -20.03 -7.60 2.85
N ALA A 24 -20.33 -6.48 3.51
CA ALA A 24 -21.72 -6.03 3.56
C ALA A 24 -22.24 -5.72 2.17
N TYR A 25 -21.47 -4.95 1.38
CA TYR A 25 -21.95 -4.56 0.07
C TYR A 25 -22.17 -5.76 -0.83
N LEU A 26 -21.25 -6.73 -0.79
CA LEU A 26 -21.39 -7.92 -1.61
C LEU A 26 -22.36 -8.94 -1.02
N ASP A 27 -22.95 -8.65 0.14
CA ASP A 27 -23.88 -9.57 0.80
C ASP A 27 -23.23 -10.93 1.06
N ILE A 28 -22.02 -10.90 1.62
CA ILE A 28 -21.24 -12.10 1.91
C ILE A 28 -21.23 -12.32 3.42
N GLN A 29 -21.61 -13.51 3.84
CA GLN A 29 -21.61 -13.86 5.25
C GLN A 29 -20.19 -14.14 5.71
N TYR A 30 -19.85 -13.68 6.92
CA TYR A 30 -18.52 -13.87 7.46
C TYR A 30 -18.59 -13.78 8.97
N GLU A 31 -17.58 -14.37 9.62
CA GLU A 31 -17.41 -14.23 11.06
C GLU A 31 -16.57 -12.99 11.34
N ASP A 32 -17.16 -12.03 12.06
CA ASP A 32 -16.50 -10.78 12.44
C ASP A 32 -15.89 -10.98 13.82
N HIS A 33 -14.77 -11.70 13.85
CA HIS A 33 -14.12 -12.05 15.11
C HIS A 33 -13.38 -10.84 15.65
N ARG A 34 -13.82 -10.33 16.78
CA ARG A 34 -13.21 -9.18 17.44
C ARG A 34 -12.56 -9.66 18.73
N ILE A 35 -11.27 -9.35 18.89
CA ILE A 35 -10.48 -9.83 20.02
C ILE A 35 -10.16 -8.65 20.92
N GLU A 36 -10.18 -8.89 22.22
CA GLU A 36 -9.67 -7.93 23.17
C GLU A 36 -8.14 -7.97 23.14
N GLN A 37 -7.52 -6.85 23.51
CA GLN A 37 -6.06 -6.79 23.58
C GLN A 37 -5.47 -7.98 24.32
N ALA A 38 -6.20 -8.54 25.29
CA ALA A 38 -5.65 -9.61 26.10
C ALA A 38 -5.47 -10.89 25.29
N ASP A 39 -6.35 -11.16 24.35
CA ASP A 39 -6.29 -12.35 23.52
C ASP A 39 -5.34 -12.19 22.33
N TRP A 40 -4.58 -11.09 22.25
CA TRP A 40 -3.78 -10.77 21.06
C TRP A 40 -2.43 -11.48 21.05
N PRO A 41 -1.69 -11.51 22.17
CA PRO A 41 -0.35 -12.12 22.12
C PRO A 41 -0.36 -13.58 21.69
N GLU A 42 -1.33 -14.39 22.14
CA GLU A 42 -1.34 -15.80 21.76
C GLU A 42 -1.64 -15.97 20.28
N ILE A 43 -2.53 -15.13 19.74
CA ILE A 43 -2.84 -15.19 18.31
C ILE A 43 -1.67 -14.66 17.50
N LYS A 44 -1.07 -13.56 17.96
CA LYS A 44 0.04 -12.95 17.24
C LYS A 44 1.14 -13.96 16.92
N SER A 45 1.50 -14.80 17.90
CA SER A 45 2.56 -15.78 17.71
C SER A 45 2.25 -16.76 16.59
N THR A 46 0.97 -16.95 16.25
CA THR A 46 0.59 -17.89 15.21
C THR A 46 0.66 -17.29 13.81
N LEU A 47 0.75 -15.96 13.70
CA LEU A 47 0.70 -15.30 12.40
C LEU A 47 2.09 -15.13 11.82
N PRO A 48 2.33 -15.56 10.57
CA PRO A 48 3.65 -15.34 9.96
C PRO A 48 4.22 -13.95 10.17
N PHE A 49 3.43 -12.90 10.02
CA PHE A 49 3.93 -11.53 10.13
C PHE A 49 3.39 -10.77 11.32
N GLY A 50 2.66 -11.45 12.21
CA GLY A 50 2.33 -10.88 13.50
C GLY A 50 1.50 -9.62 13.47
N LYS A 51 0.63 -9.46 12.47
CA LYS A 51 -0.20 -8.26 12.38
C LYS A 51 -1.60 -8.63 11.92
N ILE A 52 -2.55 -7.81 12.34
CA ILE A 52 -3.95 -7.97 11.96
C ILE A 52 -4.39 -6.67 11.29
N PRO A 53 -5.43 -6.71 10.46
CA PRO A 53 -6.32 -7.84 10.24
C PRO A 53 -5.76 -9.00 9.44
N ILE A 54 -6.34 -10.18 9.68
CA ILE A 54 -6.17 -11.35 8.83
C ILE A 54 -7.56 -11.80 8.41
N LEU A 55 -7.63 -12.54 7.31
CA LEU A 55 -8.88 -13.14 6.83
C LEU A 55 -8.61 -14.60 6.49
N GLU A 56 -9.35 -15.51 7.11
CA GLU A 56 -9.24 -16.93 6.79
C GLU A 56 -10.29 -17.28 5.76
N VAL A 57 -9.85 -17.80 4.61
CA VAL A 57 -10.75 -18.21 3.53
C VAL A 57 -10.62 -19.72 3.40
N ASP A 58 -11.70 -20.43 3.76
CA ASP A 58 -11.69 -21.89 3.81
C ASP A 58 -10.44 -22.38 4.53
N GLY A 59 -10.16 -21.79 5.68
CA GLY A 59 -9.04 -22.22 6.50
C GLY A 59 -7.68 -21.81 6.01
N LEU A 60 -7.60 -21.00 4.96
CA LEU A 60 -6.34 -20.44 4.48
C LEU A 60 -6.26 -18.96 4.86
N THR A 61 -5.14 -18.57 5.42
CA THR A 61 -5.00 -17.28 6.09
C THR A 61 -4.39 -16.25 5.15
N LEU A 62 -5.04 -15.10 5.04
CA LEU A 62 -4.57 -13.96 4.29
C LEU A 62 -4.30 -12.80 5.24
N HIS A 63 -3.40 -11.90 4.84
CA HIS A 63 -3.06 -10.75 5.67
C HIS A 63 -2.90 -9.52 4.80
N GLN A 64 -2.73 -8.37 5.47
CA GLN A 64 -2.66 -7.05 4.85
C GLN A 64 -4.04 -6.60 4.39
N SER A 65 -4.59 -5.61 5.10
CA SER A 65 -5.98 -5.24 4.92
C SER A 65 -6.31 -4.89 3.46
N LEU A 66 -5.44 -4.15 2.81
CA LEU A 66 -5.73 -3.72 1.44
C LEU A 66 -5.48 -4.83 0.42
N ALA A 67 -4.50 -5.70 0.67
CA ALA A 67 -4.38 -6.89 -0.17
C ALA A 67 -5.66 -7.72 -0.10
N ILE A 68 -6.24 -7.84 1.09
CA ILE A 68 -7.46 -8.63 1.26
C ILE A 68 -8.63 -7.93 0.59
N ALA A 69 -8.73 -6.61 0.75
CA ALA A 69 -9.83 -5.87 0.12
C ALA A 69 -9.78 -6.02 -1.40
N ARG A 70 -8.59 -5.93 -2.00
CA ARG A 70 -8.47 -6.08 -3.45
C ARG A 70 -8.86 -7.48 -3.87
N TYR A 71 -8.45 -8.50 -3.10
CA TYR A 71 -8.82 -9.86 -3.41
C TYR A 71 -10.33 -10.05 -3.41
N LEU A 72 -11.01 -9.49 -2.41
CA LEU A 72 -12.46 -9.68 -2.29
C LEU A 72 -13.23 -8.93 -3.37
N THR A 73 -12.65 -7.88 -3.95
CA THR A 73 -13.37 -7.11 -4.98
C THR A 73 -13.03 -7.52 -6.40
N LYS A 74 -12.01 -8.37 -6.62
CA LYS A 74 -11.72 -8.76 -7.99
C LYS A 74 -12.95 -9.46 -8.58
N ASN A 75 -13.22 -9.20 -9.85
CA ASN A 75 -14.37 -9.74 -10.57
C ASN A 75 -15.70 -9.20 -10.07
N THR A 76 -15.70 -8.13 -9.29
CA THR A 76 -16.93 -7.46 -8.88
C THR A 76 -16.92 -6.03 -9.39
N ASP A 77 -18.09 -5.38 -9.33
CA ASP A 77 -18.22 -4.00 -9.79
C ASP A 77 -17.56 -3.00 -8.83
N LEU A 78 -17.13 -3.44 -7.65
CA LEU A 78 -16.39 -2.55 -6.76
C LEU A 78 -14.94 -2.38 -7.17
N ALA A 79 -14.43 -3.21 -8.08
CA ALA A 79 -12.99 -3.18 -8.37
C ALA A 79 -12.62 -2.05 -9.31
N GLY A 80 -13.53 -1.62 -10.15
CA GLY A 80 -13.24 -0.69 -11.25
C GLY A 80 -13.46 -1.41 -12.57
N ASN A 81 -14.02 -0.66 -13.54
CA ASN A 81 -14.52 -1.25 -14.77
C ASN A 81 -13.48 -1.41 -15.87
N THR A 82 -12.31 -0.80 -15.71
CA THR A 82 -11.22 -0.94 -16.68
C THR A 82 -9.91 -1.16 -15.92
N GLU A 83 -8.87 -1.54 -16.67
CA GLU A 83 -7.57 -1.80 -16.05
C GLU A 83 -6.95 -0.52 -15.50
N MET A 84 -7.03 0.58 -16.25
CA MET A 84 -6.48 1.84 -15.75
C MET A 84 -7.32 2.40 -14.60
N GLU A 85 -8.63 2.17 -14.63
CA GLU A 85 -9.45 2.59 -13.50
C GLU A 85 -9.11 1.79 -12.24
N GLN A 86 -8.87 0.49 -12.39
CA GLN A 86 -8.40 -0.30 -11.26
C GLN A 86 -7.09 0.26 -10.72
N CYS A 87 -6.23 0.76 -11.59
CA CYS A 87 -5.01 1.42 -11.14
C CYS A 87 -5.33 2.69 -10.36
N HIS A 88 -6.31 3.47 -10.83
CA HIS A 88 -6.67 4.68 -10.09
C HIS A 88 -7.26 4.34 -8.72
N VAL A 89 -8.08 3.27 -8.67
CA VAL A 89 -8.62 2.82 -7.39
C VAL A 89 -7.49 2.49 -6.42
N ASP A 90 -6.52 1.68 -6.88
CA ASP A 90 -5.37 1.34 -6.04
C ASP A 90 -4.60 2.58 -5.61
N ALA A 91 -4.48 3.55 -6.52
CA ALA A 91 -3.68 4.74 -6.23
C ALA A 91 -4.35 5.59 -5.16
N ILE A 92 -5.65 5.85 -5.30
CA ILE A 92 -6.37 6.63 -4.30
C ILE A 92 -6.33 5.93 -2.94
N VAL A 93 -6.56 4.62 -2.93
CA VAL A 93 -6.52 3.89 -1.66
C VAL A 93 -5.14 4.01 -1.01
N ASP A 94 -4.08 3.88 -1.80
CA ASP A 94 -2.74 3.97 -1.23
C ASP A 94 -2.44 5.39 -0.76
N THR A 95 -2.90 6.40 -1.50
CA THR A 95 -2.74 7.77 -1.03
C THR A 95 -3.39 7.99 0.32
N LEU A 96 -4.62 7.50 0.46
CA LEU A 96 -5.31 7.59 1.75
C LEU A 96 -4.59 6.78 2.82
N ASP A 97 -4.20 5.54 2.49
CA ASP A 97 -3.53 4.69 3.47
C ASP A 97 -2.18 5.25 3.87
N ASP A 98 -1.46 5.89 2.93
CA ASP A 98 -0.19 6.52 3.27
C ASP A 98 -0.39 7.52 4.40
N PHE A 99 -1.42 8.37 4.28
CA PHE A 99 -1.61 9.43 5.26
C PHE A 99 -2.07 8.87 6.61
N MET A 100 -3.04 7.95 6.60
CA MET A 100 -3.48 7.34 7.85
C MET A 100 -2.31 6.65 8.54
N SER A 101 -1.42 6.01 7.76
CA SER A 101 -0.31 5.27 8.34
C SER A 101 0.73 6.18 9.00
N CYS A 102 0.71 7.48 8.68
CA CYS A 102 1.65 8.41 9.30
C CYS A 102 1.34 8.64 10.77
N PHE A 103 0.08 8.47 11.17
CA PHE A 103 -0.29 8.79 12.55
C PHE A 103 0.30 7.77 13.50
N PRO A 104 0.92 8.19 14.62
CA PRO A 104 1.48 7.23 15.59
C PRO A 104 0.40 6.62 16.49
N TRP A 105 -0.35 5.67 15.92
CA TRP A 105 -1.47 5.11 16.64
C TRP A 105 -1.03 4.41 17.92
N ALA A 106 0.18 3.87 17.95
CA ALA A 106 0.66 3.06 19.06
C ALA A 106 1.66 3.78 19.95
N GLU A 107 1.84 5.08 19.78
CA GLU A 107 2.72 5.84 20.67
C GLU A 107 2.26 5.69 22.11
N LYS A 108 3.20 5.40 23.00
CA LYS A 108 2.85 5.11 24.40
C LYS A 108 2.67 6.40 25.20
N LYS A 109 3.48 7.42 24.93
CA LYS A 109 3.34 8.70 25.62
C LYS A 109 2.22 9.49 24.97
N GLN A 110 1.24 9.90 25.78
CA GLN A 110 0.04 10.55 25.23
C GLN A 110 0.34 11.98 24.76
N ASP A 111 1.36 12.62 25.34
CA ASP A 111 1.65 14.00 24.96
C ASP A 111 2.28 14.06 23.57
N VAL A 112 3.29 13.23 23.31
CA VAL A 112 3.93 13.22 21.99
C VAL A 112 2.93 12.77 20.92
N LYS A 113 2.02 11.87 21.28
CA LYS A 113 0.98 11.41 20.35
C LYS A 113 0.09 12.58 19.94
N GLU A 114 -0.34 13.39 20.91
CA GLU A 114 -1.25 14.50 20.61
C GLU A 114 -0.56 15.58 19.79
N GLN A 115 0.72 15.84 20.06
CA GLN A 115 1.46 16.80 19.25
C GLN A 115 1.50 16.37 17.79
N MET A 116 1.90 15.11 17.56
CA MET A 116 2.06 14.64 16.19
C MET A 116 0.72 14.57 15.47
N PHE A 117 -0.32 14.12 16.15
CA PHE A 117 -1.67 14.19 15.58
C PHE A 117 -2.00 15.63 15.14
N ASN A 118 -1.83 16.58 16.06
CA ASN A 118 -2.16 17.97 15.77
C ASN A 118 -1.35 18.48 14.58
N GLU A 119 -0.06 18.15 14.52
CA GLU A 119 0.77 18.58 13.40
C GLU A 119 0.23 18.01 12.09
N LEU A 120 -0.08 16.71 12.06
CA LEU A 120 -0.54 16.10 10.83
C LEU A 120 -1.88 16.68 10.39
N LEU A 121 -2.80 16.89 11.34
CA LEU A 121 -4.14 17.36 10.99
C LEU A 121 -4.16 18.82 10.59
N THR A 122 -3.19 19.62 11.06
CA THR A 122 -3.20 21.05 10.78
C THR A 122 -2.45 21.38 9.49
N TYR A 123 -1.22 20.89 9.33
CA TYR A 123 -0.36 21.29 8.24
C TYR A 123 -0.32 20.29 7.10
N ASN A 124 -0.98 19.14 7.23
CA ASN A 124 -0.92 18.12 6.18
C ASN A 124 -2.29 17.67 5.70
N ALA A 125 -3.26 17.51 6.60
CA ALA A 125 -4.58 17.07 6.17
C ALA A 125 -5.23 18.06 5.20
N PRO A 126 -5.22 19.37 5.44
CA PRO A 126 -5.80 20.29 4.45
C PRO A 126 -5.30 20.10 3.02
N HIS A 127 -3.98 19.95 2.85
CA HIS A 127 -3.44 19.75 1.51
C HIS A 127 -4.09 18.55 0.82
N LEU A 128 -4.21 17.44 1.55
CA LEU A 128 -4.77 16.23 0.98
C LEU A 128 -6.25 16.42 0.65
N MET A 129 -7.01 17.06 1.56
CA MET A 129 -8.43 17.28 1.29
C MET A 129 -8.61 18.10 0.00
N GLN A 130 -7.82 19.15 -0.18
CA GLN A 130 -7.93 19.95 -1.39
C GLN A 130 -7.52 19.15 -2.62
N ASP A 131 -6.48 18.32 -2.51
CA ASP A 131 -6.10 17.46 -3.61
C ASP A 131 -7.24 16.51 -3.98
N LEU A 132 -7.88 15.92 -2.97
CA LEU A 132 -8.97 14.98 -3.23
C LEU A 132 -10.19 15.68 -3.79
N ASP A 133 -10.52 16.86 -3.26
CA ASP A 133 -11.65 17.62 -3.80
C ASP A 133 -11.42 17.96 -5.27
N THR A 134 -10.21 18.40 -5.61
CA THR A 134 -9.91 18.72 -7.00
C THR A 134 -9.98 17.49 -7.88
N TYR A 135 -9.47 16.35 -7.39
CA TYR A 135 -9.52 15.12 -8.16
C TYR A 135 -10.96 14.68 -8.39
N LEU A 136 -11.83 14.86 -7.39
CA LEU A 136 -13.22 14.46 -7.54
C LEU A 136 -13.95 15.37 -8.52
N GLY A 137 -13.87 16.68 -8.31
CA GLY A 137 -14.60 17.62 -9.16
C GLY A 137 -16.09 17.40 -9.06
N GLY A 138 -16.77 17.55 -10.18
CA GLY A 138 -18.21 17.35 -10.26
C GLY A 138 -18.64 15.92 -10.52
N ARG A 139 -17.72 14.95 -10.44
CA ARG A 139 -18.05 13.57 -10.77
C ARG A 139 -18.75 12.89 -9.60
N GLU A 140 -19.44 11.80 -9.92
CA GLU A 140 -20.25 11.10 -8.92
C GLU A 140 -19.39 10.32 -7.93
N TRP A 141 -18.37 9.63 -8.44
CA TRP A 141 -17.51 8.80 -7.62
C TRP A 141 -16.06 9.18 -7.90
N LEU A 142 -15.15 8.69 -7.06
CA LEU A 142 -13.74 9.02 -7.22
C LEU A 142 -13.17 8.45 -8.51
N ILE A 143 -13.58 7.23 -8.88
CA ILE A 143 -13.10 6.60 -10.10
C ILE A 143 -14.28 6.04 -10.87
N GLY A 144 -14.39 6.40 -12.15
CA GLY A 144 -15.38 5.79 -13.03
C GLY A 144 -16.77 6.36 -12.79
N ASN A 145 -17.77 5.60 -13.26
CA ASN A 145 -19.17 6.01 -13.19
C ASN A 145 -19.96 5.22 -12.17
N SER A 146 -19.30 4.43 -11.33
CA SER A 146 -19.95 3.63 -10.31
C SER A 146 -19.07 3.58 -9.08
N VAL A 147 -19.68 3.24 -7.95
CA VAL A 147 -18.93 3.18 -6.69
C VAL A 147 -17.88 2.08 -6.75
N THR A 148 -16.70 2.36 -6.19
CA THR A 148 -15.66 1.39 -6.01
C THR A 148 -15.26 1.37 -4.53
N TRP A 149 -14.44 0.39 -4.15
CA TRP A 149 -14.01 0.35 -2.76
C TRP A 149 -13.08 1.51 -2.42
N ALA A 150 -12.68 2.33 -3.41
CA ALA A 150 -11.97 3.56 -3.10
C ALA A 150 -12.91 4.58 -2.46
N ASP A 151 -14.16 4.62 -2.90
CA ASP A 151 -15.16 5.48 -2.25
C ASP A 151 -15.46 5.00 -0.83
N PHE A 152 -15.51 3.67 -0.64
CA PHE A 152 -15.65 3.12 0.70
C PHE A 152 -14.51 3.58 1.59
N TYR A 153 -13.27 3.47 1.08
CA TYR A 153 -12.11 3.79 1.90
C TYR A 153 -12.06 5.28 2.20
N TRP A 154 -12.52 6.13 1.27
CA TRP A 154 -12.60 7.55 1.58
C TRP A 154 -13.53 7.80 2.76
N GLU A 155 -14.72 7.20 2.72
CA GLU A 155 -15.68 7.39 3.79
C GLU A 155 -15.14 6.88 5.11
N ILE A 156 -14.40 5.77 5.08
CA ILE A 156 -13.86 5.16 6.29
C ILE A 156 -12.72 6.01 6.86
N CYS A 157 -11.80 6.45 6.00
CA CYS A 157 -10.68 7.25 6.51
C CYS A 157 -11.16 8.63 6.95
N SER A 158 -12.08 9.24 6.20
CA SER A 158 -12.57 10.56 6.58
C SER A 158 -13.37 10.51 7.87
N THR A 159 -14.04 9.39 8.15
CA THR A 159 -14.74 9.24 9.42
C THR A 159 -13.76 9.28 10.59
N THR A 160 -12.63 8.60 10.46
CA THR A 160 -11.62 8.64 11.50
C THR A 160 -11.04 10.05 11.65
N LEU A 161 -10.61 10.64 10.53
CA LEU A 161 -10.03 11.97 10.59
C LEU A 161 -10.98 12.98 11.23
N LEU A 162 -12.27 12.89 10.89
CA LEU A 162 -13.25 13.84 11.42
C LEU A 162 -13.38 13.74 12.93
N VAL A 163 -13.11 12.56 13.50
CA VAL A 163 -13.13 12.41 14.95
C VAL A 163 -12.14 13.38 15.58
N PHE A 164 -10.93 13.46 15.04
CA PHE A 164 -9.89 14.31 15.61
C PHE A 164 -9.96 15.75 15.10
N LYS A 165 -10.48 15.97 13.89
CA LYS A 165 -10.59 17.32 13.33
C LYS A 165 -11.97 17.49 12.73
N PRO A 166 -12.95 17.96 13.51
CA PRO A 166 -14.33 17.99 13.01
C PRO A 166 -14.55 18.97 11.86
N ASP A 167 -13.72 20.01 11.73
CA ASP A 167 -13.91 21.00 10.66
C ASP A 167 -13.15 20.64 9.39
N LEU A 168 -12.72 19.38 9.26
CA LEU A 168 -11.84 18.99 8.17
C LEU A 168 -12.45 19.26 6.80
N LEU A 169 -13.75 19.04 6.65
CA LEU A 169 -14.42 19.15 5.36
C LEU A 169 -15.34 20.38 5.27
N ASP A 170 -15.12 21.37 6.14
CA ASP A 170 -15.97 22.56 6.11
C ASP A 170 -15.94 23.24 4.74
N ASN A 171 -14.81 23.18 4.05
CA ASN A 171 -14.65 23.86 2.77
C ASN A 171 -14.72 22.90 1.59
N HIS A 172 -15.24 21.69 1.79
CA HIS A 172 -15.26 20.65 0.75
C HIS A 172 -16.60 19.95 0.74
N PRO A 173 -17.67 20.67 0.37
CA PRO A 173 -19.00 20.04 0.37
C PRO A 173 -19.11 18.84 -0.55
N ARG A 174 -18.36 18.83 -1.67
CA ARG A 174 -18.41 17.66 -2.55
C ARG A 174 -17.84 16.42 -1.89
N LEU A 175 -16.81 16.58 -1.04
CA LEU A 175 -16.30 15.43 -0.32
C LEU A 175 -17.28 14.97 0.77
N VAL A 176 -17.99 15.91 1.38
CA VAL A 176 -19.07 15.55 2.30
C VAL A 176 -20.14 14.75 1.55
N THR A 177 -20.52 15.25 0.37
CA THR A 177 -21.54 14.57 -0.43
C THR A 177 -21.14 13.14 -0.76
N LEU A 178 -19.87 12.93 -1.10
CA LEU A 178 -19.41 11.59 -1.42
C LEU A 178 -19.53 10.66 -0.22
N ARG A 179 -19.19 11.15 0.98
CA ARG A 179 -19.42 10.38 2.20
C ARG A 179 -20.90 10.01 2.34
N LYS A 180 -21.80 10.99 2.16
CA LYS A 180 -23.22 10.72 2.33
C LYS A 180 -23.72 9.72 1.29
N LYS A 181 -23.18 9.76 0.07
CA LYS A 181 -23.57 8.80 -0.95
C LYS A 181 -23.13 7.39 -0.57
N VAL A 182 -21.94 7.25 0.00
CA VAL A 182 -21.51 5.93 0.45
C VAL A 182 -22.37 5.45 1.61
N GLN A 183 -22.68 6.35 2.55
CA GLN A 183 -23.46 5.98 3.73
C GLN A 183 -24.91 5.65 3.38
N ALA A 184 -25.39 6.08 2.23
CA ALA A 184 -26.78 5.84 1.83
C ALA A 184 -26.96 4.53 1.08
N ILE A 185 -25.89 3.93 0.59
CA ILE A 185 -25.95 2.63 -0.07
C ILE A 185 -26.62 1.66 0.89
N PRO A 186 -27.74 1.03 0.52
CA PRO A 186 -28.52 0.28 1.50
C PRO A 186 -27.70 -0.71 2.33
N ALA A 187 -26.86 -1.51 1.67
CA ALA A 187 -26.07 -2.49 2.41
C ALA A 187 -25.05 -1.80 3.32
N VAL A 188 -24.50 -0.67 2.91
CA VAL A 188 -23.56 0.04 3.76
C VAL A 188 -24.29 0.71 4.90
N ALA A 189 -25.41 1.38 4.62
CA ALA A 189 -26.21 1.99 5.66
C ALA A 189 -26.61 0.96 6.72
N ASN A 190 -27.09 -0.21 6.27
CA ASN A 190 -27.45 -1.28 7.19
C ASN A 190 -26.28 -1.65 8.10
N TRP A 191 -25.07 -1.79 7.52
CA TRP A 191 -23.93 -2.15 8.34
C TRP A 191 -23.58 -1.05 9.34
N ILE A 192 -23.64 0.21 8.90
CA ILE A 192 -23.35 1.33 9.80
C ILE A 192 -24.31 1.32 10.99
N LYS A 193 -25.58 0.96 10.74
CA LYS A 193 -26.56 0.91 11.82
C LYS A 193 -26.23 -0.20 12.81
N ARG A 194 -25.76 -1.36 12.31
CA ARG A 194 -25.61 -2.55 13.13
C ARG A 194 -24.24 -2.68 13.79
N ARG A 195 -23.20 -2.07 13.24
CA ARG A 195 -21.86 -2.31 13.74
C ARG A 195 -21.70 -1.80 15.18
N PRO A 196 -20.73 -2.34 15.92
CA PRO A 196 -20.48 -1.82 17.28
C PRO A 196 -19.95 -0.41 17.23
N GLN A 197 -20.41 0.43 18.16
CA GLN A 197 -19.95 1.81 18.20
C GLN A 197 -18.63 1.89 18.97
N THR A 198 -17.56 2.29 18.28
CA THR A 198 -16.26 2.48 18.88
C THR A 198 -15.71 3.83 18.45
N LYS A 199 -14.75 4.34 19.22
CA LYS A 199 -14.16 5.63 18.87
C LYS A 199 -13.46 5.55 17.50
N LEU A 200 -12.67 4.50 17.30
CA LEU A 200 -11.85 4.37 16.10
C LEU A 200 -12.23 3.12 15.29
N GLY B 1 -1.11 1.37 -31.66
CA GLY B 1 0.30 0.90 -31.55
C GLY B 1 0.74 0.75 -30.10
N MET B 2 2.05 0.74 -29.89
CA MET B 2 2.58 0.53 -28.55
C MET B 2 2.30 1.77 -27.68
N PRO B 3 1.97 1.58 -26.41
CA PRO B 3 1.73 2.74 -25.54
C PRO B 3 3.04 3.47 -25.24
N ASN B 4 2.93 4.80 -25.17
CA ASN B 4 4.08 5.65 -24.88
C ASN B 4 4.20 5.87 -23.37
N TYR B 5 5.29 5.39 -22.79
CA TYR B 5 5.48 5.40 -21.34
C TYR B 5 6.53 6.43 -20.96
N LYS B 6 6.23 7.24 -19.93
CA LYS B 6 7.19 8.21 -19.41
C LYS B 6 7.12 8.18 -17.88
N LEU B 7 8.19 7.69 -17.26
CA LEU B 7 8.32 7.63 -15.81
C LEU B 7 9.12 8.83 -15.32
N THR B 8 8.64 9.45 -14.25
CA THR B 8 9.30 10.60 -13.64
C THR B 8 9.60 10.29 -12.18
N TYR B 9 10.83 10.57 -11.77
CA TYR B 9 11.28 10.35 -10.40
C TYR B 9 12.58 11.12 -10.22
N PHE B 10 13.09 11.10 -8.98
CA PHE B 10 14.42 11.61 -8.70
C PHE B 10 15.47 10.72 -9.36
N ASN B 11 16.73 11.16 -9.29
CA ASN B 11 17.84 10.33 -9.76
C ASN B 11 18.23 9.36 -8.64
N MET B 12 17.37 8.36 -8.45
CA MET B 12 17.59 7.31 -7.49
C MET B 12 16.86 6.06 -7.94
N ARG B 13 17.18 4.94 -7.29
CA ARG B 13 16.33 3.76 -7.38
C ARG B 13 15.06 4.04 -6.58
N GLY B 14 15.20 4.12 -5.26
CA GLY B 14 14.09 4.56 -4.41
C GLY B 14 12.81 3.82 -4.71
N ARG B 15 11.72 4.57 -4.81
CA ARG B 15 10.40 4.00 -5.01
C ARG B 15 10.07 3.79 -6.47
N ALA B 16 10.89 4.28 -7.39
CA ALA B 16 10.65 4.05 -8.81
C ALA B 16 11.25 2.75 -9.31
N GLU B 17 12.23 2.19 -8.59
CA GLU B 17 12.99 1.06 -9.12
C GLU B 17 12.11 -0.14 -9.44
N ILE B 18 11.08 -0.39 -8.63
CA ILE B 18 10.21 -1.53 -8.91
C ILE B 18 9.60 -1.38 -10.30
N ILE B 19 9.22 -0.17 -10.68
CA ILE B 19 8.67 0.07 -12.00
C ILE B 19 9.73 -0.16 -13.07
N ARG B 20 10.98 0.28 -12.81
CA ARG B 20 12.05 0.08 -13.77
C ARG B 20 12.37 -1.40 -13.95
N TYR B 21 12.40 -2.17 -12.85
CA TYR B 21 12.60 -3.60 -12.99
C TYR B 21 11.53 -4.22 -13.87
N ILE B 22 10.28 -3.78 -13.69
CA ILE B 22 9.17 -4.38 -14.41
C ILE B 22 9.28 -4.09 -15.91
N PHE B 23 9.54 -2.82 -16.26
CA PHE B 23 9.75 -2.47 -17.67
C PHE B 23 10.89 -3.28 -18.27
N ALA B 24 12.02 -3.37 -17.57
CA ALA B 24 13.14 -4.14 -18.09
C ALA B 24 12.72 -5.59 -18.32
N TYR B 25 12.04 -6.19 -17.35
CA TYR B 25 11.68 -7.60 -17.46
C TYR B 25 10.69 -7.83 -18.60
N LEU B 26 9.74 -6.93 -18.79
CA LEU B 26 8.74 -7.06 -19.83
C LEU B 26 9.20 -6.49 -21.17
N ASP B 27 10.45 -6.06 -21.26
CA ASP B 27 11.03 -5.52 -22.49
C ASP B 27 10.13 -4.42 -23.06
N ILE B 28 9.75 -3.49 -22.19
CA ILE B 28 8.95 -2.33 -22.57
C ILE B 28 9.86 -1.11 -22.57
N GLN B 29 9.88 -0.40 -23.70
CA GLN B 29 10.68 0.81 -23.82
C GLN B 29 9.94 1.96 -23.12
N TYR B 30 10.71 2.79 -22.42
CA TYR B 30 10.11 3.91 -21.70
C TYR B 30 11.16 5.00 -21.51
N GLU B 31 10.66 6.22 -21.27
CA GLU B 31 11.53 7.34 -20.93
C GLU B 31 11.75 7.36 -19.42
N ASP B 32 13.01 7.23 -19.01
CA ASP B 32 13.38 7.24 -17.59
C ASP B 32 13.77 8.67 -17.21
N HIS B 33 12.75 9.51 -17.06
CA HIS B 33 12.96 10.92 -16.77
C HIS B 33 13.36 11.08 -15.30
N ARG B 34 14.52 11.67 -15.07
CA ARG B 34 15.07 11.88 -13.73
C ARG B 34 15.21 13.37 -13.48
N ILE B 35 14.62 13.85 -12.39
CA ILE B 35 14.61 15.28 -12.07
C ILE B 35 15.50 15.55 -10.88
N GLU B 36 16.03 16.77 -10.82
CA GLU B 36 16.90 17.18 -9.72
C GLU B 36 16.09 17.65 -8.53
N GLN B 37 16.65 17.46 -7.34
CA GLN B 37 15.93 17.81 -6.12
C GLN B 37 15.71 19.31 -6.00
N ALA B 38 16.60 20.12 -6.59
CA ALA B 38 16.43 21.56 -6.53
C ALA B 38 15.26 22.04 -7.37
N ASP B 39 14.94 21.32 -8.45
CA ASP B 39 13.79 21.64 -9.29
C ASP B 39 12.53 20.91 -8.84
N TRP B 40 12.57 20.21 -7.70
CA TRP B 40 11.40 19.45 -7.27
C TRP B 40 10.27 20.35 -6.80
N PRO B 41 10.50 21.36 -5.96
CA PRO B 41 9.38 22.19 -5.49
C PRO B 41 8.51 22.75 -6.60
N GLU B 42 9.08 22.99 -7.79
CA GLU B 42 8.31 23.64 -8.85
C GLU B 42 7.42 22.64 -9.59
N ILE B 43 7.94 21.45 -9.89
CA ILE B 43 7.14 20.44 -10.55
C ILE B 43 6.17 19.78 -9.59
N LYS B 44 6.46 19.81 -8.28
CA LYS B 44 5.54 19.24 -7.30
C LYS B 44 4.16 19.90 -7.38
N SER B 45 4.14 21.23 -7.58
CA SER B 45 2.87 21.95 -7.62
C SER B 45 2.00 21.55 -8.79
N THR B 46 2.57 20.92 -9.82
CA THR B 46 1.83 20.59 -11.02
C THR B 46 1.19 19.20 -10.96
N LEU B 47 1.48 18.41 -9.94
CA LEU B 47 0.98 17.03 -9.90
C LEU B 47 -0.28 16.95 -9.07
N PRO B 48 -1.31 16.20 -9.54
CA PRO B 48 -2.56 16.07 -8.76
C PRO B 48 -2.37 15.85 -7.27
N PHE B 49 -1.48 14.92 -6.88
CA PHE B 49 -1.24 14.63 -5.47
C PHE B 49 0.16 15.00 -5.02
N GLY B 50 0.93 15.68 -5.87
CA GLY B 50 2.17 16.29 -5.44
C GLY B 50 3.25 15.33 -4.99
N LYS B 51 3.25 14.11 -5.50
CA LYS B 51 4.22 13.10 -5.10
C LYS B 51 4.69 12.33 -6.33
N ILE B 52 5.89 11.76 -6.21
CA ILE B 52 6.47 10.95 -7.28
C ILE B 52 6.88 9.60 -6.70
N PRO B 53 7.04 8.58 -7.56
CA PRO B 53 7.01 8.64 -9.01
C PRO B 53 5.60 8.73 -9.63
N ILE B 54 5.56 9.26 -10.85
CA ILE B 54 4.38 9.20 -11.69
C ILE B 54 4.78 8.48 -12.99
N LEU B 55 3.77 7.91 -13.64
CA LEU B 55 3.94 7.27 -14.94
C LEU B 55 2.88 7.83 -15.88
N GLU B 56 3.32 8.42 -16.98
CA GLU B 56 2.41 8.95 -17.98
C GLU B 56 2.23 7.89 -19.07
N VAL B 57 0.98 7.58 -19.37
CA VAL B 57 0.63 6.60 -20.40
C VAL B 57 -0.21 7.35 -21.44
N ASP B 58 0.41 7.68 -22.58
N ASP B 58 0.41 7.60 -22.60
CA ASP B 58 -0.31 8.28 -23.71
CA ASP B 58 -0.17 8.43 -23.66
C ASP B 58 -1.25 9.41 -23.27
C ASP B 58 -0.40 9.80 -23.05
N GLY B 59 -0.68 10.40 -22.58
N GLY B 59 -1.62 10.29 -22.96
CA GLY B 59 -1.41 11.59 -22.20
CA GLY B 59 -1.86 11.58 -22.33
C GLY B 59 -2.14 11.51 -20.87
C GLY B 59 -2.44 11.44 -20.94
N LEU B 60 -2.17 10.34 -20.24
CA LEU B 60 -2.77 10.12 -18.93
C LEU B 60 -1.69 9.86 -17.89
N THR B 61 -1.80 10.51 -16.74
CA THR B 61 -0.81 10.38 -15.67
C THR B 61 -1.32 9.45 -14.57
N LEU B 62 -0.47 8.48 -14.21
CA LEU B 62 -0.72 7.58 -13.09
C LEU B 62 0.22 7.93 -11.94
N HIS B 63 -0.17 7.53 -10.73
CA HIS B 63 0.66 7.76 -9.55
C HIS B 63 0.56 6.57 -8.61
N GLN B 64 1.38 6.61 -7.55
CA GLN B 64 1.56 5.55 -6.56
C GLN B 64 2.34 4.37 -7.15
N SER B 65 3.59 4.20 -6.69
CA SER B 65 4.50 3.26 -7.34
C SER B 65 3.94 1.83 -7.38
N LEU B 66 3.32 1.38 -6.29
CA LEU B 66 2.85 0.00 -6.23
C LEU B 66 1.56 -0.19 -7.03
N ALA B 67 0.67 0.81 -7.00
CA ALA B 67 -0.48 0.79 -7.90
C ALA B 67 -0.04 0.69 -9.36
N ILE B 68 0.99 1.45 -9.75
CA ILE B 68 1.52 1.37 -11.10
C ILE B 68 2.12 -0.01 -11.37
N ALA B 69 2.89 -0.54 -10.42
CA ALA B 69 3.52 -1.84 -10.62
C ALA B 69 2.48 -2.94 -10.83
N ARG B 70 1.41 -2.93 -10.03
CA ARG B 70 0.34 -3.92 -10.19
C ARG B 70 -0.34 -3.79 -11.55
N TYR B 71 -0.54 -2.55 -12.00
CA TYR B 71 -1.18 -2.31 -13.30
C TYR B 71 -0.33 -2.85 -14.43
N LEU B 72 0.99 -2.65 -14.34
CA LEU B 72 1.87 -3.07 -15.42
C LEU B 72 2.03 -4.59 -15.45
N THR B 73 1.87 -5.28 -14.31
CA THR B 73 2.10 -6.72 -14.25
C THR B 73 0.82 -7.52 -14.35
N LYS B 74 -0.34 -6.86 -14.35
CA LYS B 74 -1.60 -7.58 -14.44
C LYS B 74 -1.61 -8.44 -15.71
N ASN B 75 -2.02 -9.69 -15.57
CA ASN B 75 -2.11 -10.66 -16.65
C ASN B 75 -0.75 -10.98 -17.27
N THR B 76 0.34 -10.59 -16.62
CA THR B 76 1.68 -10.98 -17.02
C THR B 76 2.16 -12.14 -16.13
N ASP B 77 3.32 -12.67 -16.47
CA ASP B 77 3.88 -13.75 -15.67
C ASP B 77 4.48 -13.26 -14.36
N LEU B 78 4.62 -11.95 -14.17
CA LEU B 78 5.11 -11.40 -12.90
C LEU B 78 4.01 -11.30 -11.85
N ALA B 79 2.76 -11.46 -12.24
CA ALA B 79 1.66 -11.44 -11.28
C ALA B 79 1.48 -12.85 -10.70
N GLY B 80 0.86 -12.91 -9.55
CA GLY B 80 0.51 -14.19 -8.96
C GLY B 80 -0.25 -15.09 -9.93
N ASN B 81 -0.06 -16.41 -9.78
CA ASN B 81 -0.68 -17.36 -10.70
C ASN B 81 -2.19 -17.46 -10.46
N THR B 82 -2.59 -17.76 -9.24
CA THR B 82 -3.99 -17.81 -8.87
C THR B 82 -4.41 -16.49 -8.22
N GLU B 83 -5.72 -16.29 -8.13
CA GLU B 83 -6.23 -15.09 -7.48
C GLU B 83 -5.79 -15.02 -6.02
N MET B 84 -5.70 -16.16 -5.33
N MET B 84 -5.76 -16.18 -5.35
CA MET B 84 -5.24 -16.04 -3.95
CA MET B 84 -5.25 -16.29 -3.98
C MET B 84 -3.73 -15.95 -3.83
C MET B 84 -3.78 -15.87 -3.92
N GLU B 85 -2.98 -16.37 -4.86
CA GLU B 85 -1.55 -16.06 -4.84
C GLU B 85 -1.29 -14.60 -5.18
N GLN B 86 -2.17 -13.98 -5.97
CA GLN B 86 -2.07 -12.53 -6.19
C GLN B 86 -2.31 -11.76 -4.90
N CYS B 87 -3.19 -12.27 -4.02
CA CYS B 87 -3.33 -11.67 -2.70
C CYS B 87 -2.03 -11.76 -1.92
N HIS B 88 -1.37 -12.93 -1.93
CA HIS B 88 -0.13 -13.08 -1.20
C HIS B 88 0.94 -12.15 -1.77
N VAL B 89 0.98 -11.99 -3.10
CA VAL B 89 1.92 -11.04 -3.70
C VAL B 89 1.69 -9.64 -3.17
N ASP B 90 0.45 -9.14 -3.28
CA ASP B 90 0.13 -7.82 -2.74
C ASP B 90 0.49 -7.73 -1.26
N ALA B 91 0.23 -8.79 -0.49
CA ALA B 91 0.42 -8.70 0.95
C ALA B 91 1.90 -8.64 1.30
N ILE B 92 2.73 -9.41 0.58
CA ILE B 92 4.19 -9.35 0.84
C ILE B 92 4.74 -8.00 0.43
N VAL B 93 4.30 -7.48 -0.70
CA VAL B 93 4.75 -6.17 -1.15
C VAL B 93 4.38 -5.11 -0.10
N ASP B 94 3.15 -5.14 0.41
CA ASP B 94 2.75 -4.13 1.38
C ASP B 94 3.48 -4.31 2.70
N THR B 95 3.79 -5.56 3.09
CA THR B 95 4.61 -5.78 4.27
C THR B 95 5.99 -5.15 4.13
N LEU B 96 6.62 -5.34 2.98
CA LEU B 96 7.91 -4.69 2.74
C LEU B 96 7.74 -3.18 2.66
N ASP B 97 6.72 -2.70 1.96
CA ASP B 97 6.52 -1.27 1.77
C ASP B 97 6.16 -0.56 3.07
N ASP B 98 5.37 -1.21 3.93
CA ASP B 98 5.10 -0.67 5.26
C ASP B 98 6.39 -0.36 6.00
N PHE B 99 7.34 -1.30 5.96
CA PHE B 99 8.57 -1.11 6.73
C PHE B 99 9.44 -0.01 6.14
N MET B 100 9.66 -0.05 4.81
CA MET B 100 10.44 0.99 4.16
C MET B 100 9.81 2.36 4.37
N SER B 101 8.46 2.43 4.37
CA SER B 101 7.78 3.70 4.54
C SER B 101 7.88 4.23 5.96
N CYS B 102 8.27 3.38 6.93
CA CYS B 102 8.47 3.86 8.28
C CYS B 102 9.69 4.77 8.39
N PHE B 103 10.67 4.60 7.50
CA PHE B 103 11.89 5.41 7.61
C PHE B 103 11.59 6.86 7.27
N PRO B 104 12.09 7.82 8.06
CA PRO B 104 11.78 9.24 7.79
C PRO B 104 12.69 9.85 6.73
N TRP B 105 12.53 9.40 5.48
CA TRP B 105 13.42 9.83 4.41
C TRP B 105 13.48 11.35 4.28
N ALA B 106 12.37 12.03 4.54
CA ALA B 106 12.26 13.47 4.30
C ALA B 106 12.44 14.30 5.56
N GLU B 107 12.73 13.68 6.70
CA GLU B 107 12.92 14.43 7.93
C GLU B 107 13.99 15.50 7.75
N LYS B 108 13.65 16.73 8.14
CA LYS B 108 14.55 17.87 7.96
C LYS B 108 15.56 18.02 9.09
N LYS B 109 15.30 17.44 10.27
CA LYS B 109 16.26 17.47 11.37
C LYS B 109 17.15 16.23 11.24
N GLN B 110 18.42 16.44 10.88
CA GLN B 110 19.30 15.31 10.59
C GLN B 110 19.42 14.39 11.79
N ASP B 111 19.63 14.94 12.99
CA ASP B 111 19.79 14.12 14.18
C ASP B 111 18.56 13.24 14.43
N VAL B 112 17.37 13.80 14.23
CA VAL B 112 16.15 13.01 14.40
C VAL B 112 16.12 11.88 13.38
N LYS B 113 16.51 12.18 12.13
CA LYS B 113 16.49 11.18 11.08
C LYS B 113 17.44 10.03 11.41
N GLU B 114 18.68 10.36 11.80
CA GLU B 114 19.65 9.31 12.13
C GLU B 114 19.13 8.42 13.26
N GLN B 115 18.55 9.03 14.30
CA GLN B 115 18.10 8.26 15.46
C GLN B 115 17.05 7.23 15.06
N MET B 116 16.06 7.64 14.26
CA MET B 116 15.01 6.72 13.86
C MET B 116 15.54 5.65 12.92
N PHE B 117 16.39 6.04 11.96
CA PHE B 117 16.99 5.06 11.06
C PHE B 117 17.71 3.96 11.85
N ASN B 118 18.55 4.37 12.81
CA ASN B 118 19.29 3.40 13.59
C ASN B 118 18.36 2.53 14.43
N GLU B 119 17.29 3.11 14.98
CA GLU B 119 16.35 2.32 15.78
C GLU B 119 15.66 1.28 14.93
N LEU B 120 15.18 1.68 13.75
CA LEU B 120 14.50 0.75 12.85
C LEU B 120 15.42 -0.37 12.40
N LEU B 121 16.69 -0.06 12.14
CA LEU B 121 17.62 -1.05 11.61
C LEU B 121 18.16 -1.97 12.70
N THR B 122 18.27 -1.47 13.93
CA THR B 122 18.83 -2.29 15.00
C THR B 122 17.79 -3.22 15.61
N TYR B 123 16.52 -2.80 15.69
CA TYR B 123 15.48 -3.58 16.34
C TYR B 123 14.45 -4.13 15.35
N ASN B 124 13.78 -3.27 14.58
CA ASN B 124 12.68 -3.75 13.74
C ASN B 124 13.17 -4.64 12.60
N ALA B 125 14.24 -4.21 11.92
CA ALA B 125 14.64 -4.91 10.69
C ALA B 125 15.02 -6.36 10.95
N PRO B 126 15.79 -6.71 11.97
CA PRO B 126 16.12 -8.14 12.17
C PRO B 126 14.90 -9.01 12.38
N HIS B 127 13.88 -8.53 13.09
CA HIS B 127 12.67 -9.32 13.27
C HIS B 127 11.95 -9.55 11.96
N LEU B 128 11.87 -8.51 11.12
CA LEU B 128 11.24 -8.69 9.81
C LEU B 128 12.01 -9.68 8.95
N MET B 129 13.35 -9.59 8.96
CA MET B 129 14.13 -10.58 8.20
C MET B 129 13.80 -11.99 8.66
N GLN B 130 13.65 -12.20 9.98
N GLN B 130 13.65 -12.20 9.98
CA GLN B 130 13.34 -13.53 10.48
CA GLN B 130 13.34 -13.52 10.50
C GLN B 130 11.96 -13.98 10.03
C GLN B 130 11.96 -13.98 10.05
N ASP B 131 10.97 -13.08 10.04
CA ASP B 131 9.64 -13.43 9.56
C ASP B 131 9.69 -13.82 8.08
N LEU B 132 10.45 -13.06 7.27
CA LEU B 132 10.54 -13.35 5.84
C LEU B 132 11.26 -14.66 5.60
N ASP B 133 12.33 -14.91 6.36
CA ASP B 133 13.09 -16.14 6.20
C ASP B 133 12.21 -17.36 6.47
N THR B 134 11.42 -17.31 7.54
CA THR B 134 10.49 -18.41 7.84
C THR B 134 9.42 -18.52 6.77
N TYR B 135 8.88 -17.38 6.31
CA TYR B 135 7.88 -17.40 5.25
C TYR B 135 8.41 -18.08 3.99
N LEU B 136 9.62 -17.69 3.56
CA LEU B 136 10.20 -18.29 2.37
C LEU B 136 10.46 -19.78 2.56
N GLY B 137 10.90 -20.16 3.77
CA GLY B 137 11.29 -21.55 4.00
C GLY B 137 12.34 -22.00 3.00
N GLY B 138 12.15 -23.20 2.48
CA GLY B 138 13.00 -23.76 1.45
C GLY B 138 12.48 -23.57 0.04
N ARG B 139 11.42 -22.78 -0.16
CA ARG B 139 10.86 -22.59 -1.49
C ARG B 139 11.77 -21.72 -2.35
N GLU B 140 11.58 -21.81 -3.66
CA GLU B 140 12.45 -21.12 -4.61
C GLU B 140 12.12 -19.63 -4.72
N TRP B 141 10.83 -19.29 -4.71
CA TRP B 141 10.37 -17.91 -4.81
C TRP B 141 9.41 -17.63 -3.66
N LEU B 142 9.15 -16.36 -3.41
CA LEU B 142 8.34 -16.00 -2.25
C LEU B 142 6.92 -16.52 -2.38
N ILE B 143 6.34 -16.45 -3.58
CA ILE B 143 4.95 -16.84 -3.83
C ILE B 143 4.91 -17.76 -5.04
N GLY B 144 4.27 -18.91 -4.89
CA GLY B 144 4.06 -19.80 -6.01
C GLY B 144 5.32 -20.56 -6.40
N ASN B 145 5.41 -20.91 -7.68
CA ASN B 145 6.55 -21.67 -8.19
C ASN B 145 7.33 -20.91 -9.25
N SER B 146 7.02 -19.62 -9.45
CA SER B 146 7.74 -18.79 -10.41
C SER B 146 7.90 -17.39 -9.83
N VAL B 147 8.85 -16.65 -10.41
CA VAL B 147 9.15 -15.32 -9.91
C VAL B 147 7.95 -14.43 -10.07
N THR B 148 7.72 -13.54 -9.09
CA THR B 148 6.70 -12.50 -9.17
C THR B 148 7.36 -11.17 -8.87
N TRP B 149 6.60 -10.09 -9.02
CA TRP B 149 7.17 -8.79 -8.70
C TRP B 149 7.34 -8.60 -7.19
N ALA B 150 6.77 -9.49 -6.36
CA ALA B 150 7.13 -9.50 -4.95
C ALA B 150 8.60 -9.86 -4.77
N ASP B 151 9.10 -10.82 -5.55
CA ASP B 151 10.52 -11.18 -5.48
C ASP B 151 11.38 -9.99 -5.89
N PHE B 152 10.97 -9.26 -6.94
CA PHE B 152 11.66 -8.04 -7.33
C PHE B 152 11.73 -7.07 -6.15
N TYR B 153 10.58 -6.80 -5.53
CA TYR B 153 10.54 -5.80 -4.48
C TYR B 153 11.37 -6.22 -3.27
N TRP B 154 11.45 -7.53 -3.00
CA TRP B 154 12.33 -7.98 -1.91
C TRP B 154 13.78 -7.63 -2.22
N GLU B 155 14.23 -7.90 -3.45
CA GLU B 155 15.60 -7.55 -3.82
C GLU B 155 15.82 -6.04 -3.81
N ILE B 156 14.82 -5.27 -4.21
CA ILE B 156 14.99 -3.83 -4.25
C ILE B 156 15.03 -3.26 -2.83
N CYS B 157 14.10 -3.69 -1.98
CA CYS B 157 14.06 -3.18 -0.61
C CYS B 157 15.26 -3.66 0.19
N SER B 158 15.68 -4.91 0.00
CA SER B 158 16.82 -5.41 0.75
C SER B 158 18.11 -4.73 0.32
N THR B 159 18.20 -4.35 -0.96
CA THR B 159 19.37 -3.61 -1.42
C THR B 159 19.47 -2.27 -0.69
N THR B 160 18.36 -1.55 -0.59
CA THR B 160 18.35 -0.31 0.18
C THR B 160 18.80 -0.55 1.63
N LEU B 161 18.15 -1.50 2.30
CA LEU B 161 18.48 -1.75 3.71
C LEU B 161 19.95 -2.13 3.88
N LEU B 162 20.50 -2.87 2.92
CA LEU B 162 21.89 -3.30 3.03
C LEU B 162 22.87 -2.12 2.94
N VAL B 163 22.46 -1.02 2.31
CA VAL B 163 23.31 0.17 2.30
C VAL B 163 23.52 0.70 3.71
N PHE B 164 22.46 0.74 4.52
CA PHE B 164 22.56 1.26 5.88
C PHE B 164 22.95 0.20 6.90
N LYS B 165 22.85 -1.09 6.57
CA LYS B 165 23.12 -2.17 7.52
C LYS B 165 23.68 -3.37 6.75
N PRO B 166 24.98 -3.36 6.48
CA PRO B 166 25.56 -4.41 5.63
C PRO B 166 25.45 -5.82 6.18
N ASP B 167 25.35 -6.00 7.50
CA ASP B 167 25.28 -7.32 8.09
C ASP B 167 23.85 -7.84 8.20
N LEU B 168 22.90 -7.17 7.56
CA LEU B 168 21.48 -7.46 7.75
C LEU B 168 21.17 -8.93 7.53
N LEU B 169 21.70 -9.52 6.45
CA LEU B 169 21.34 -10.87 6.03
C LEU B 169 22.45 -11.89 6.29
N ASP B 170 23.41 -11.57 7.18
CA ASP B 170 24.47 -12.51 7.51
C ASP B 170 23.90 -13.86 7.93
N ASN B 171 22.78 -13.85 8.66
CA ASN B 171 22.18 -15.05 9.21
C ASN B 171 20.99 -15.56 8.41
N HIS B 172 20.85 -15.10 7.17
CA HIS B 172 19.68 -15.46 6.34
C HIS B 172 20.14 -15.80 4.93
N PRO B 173 20.95 -16.84 4.78
CA PRO B 173 21.47 -17.18 3.45
C PRO B 173 20.39 -17.48 2.44
N ARG B 174 19.26 -18.03 2.86
CA ARG B 174 18.19 -18.32 1.90
C ARG B 174 17.59 -17.04 1.35
N LEU B 175 17.49 -16.00 2.19
CA LEU B 175 17.05 -14.71 1.68
C LEU B 175 18.07 -14.12 0.70
N VAL B 176 19.36 -14.37 0.95
CA VAL B 176 20.40 -13.91 0.03
C VAL B 176 20.28 -14.64 -1.29
N THR B 177 20.15 -15.97 -1.23
CA THR B 177 19.98 -16.76 -2.47
C THR B 177 18.85 -16.19 -3.32
N LEU B 178 17.73 -15.84 -2.71
CA LEU B 178 16.61 -15.27 -3.48
C LEU B 178 17.03 -13.97 -4.15
N ARG B 179 17.71 -13.08 -3.42
CA ARG B 179 18.23 -11.86 -4.01
C ARG B 179 19.09 -12.16 -5.23
N LYS B 180 20.05 -13.09 -5.09
CA LYS B 180 20.95 -13.40 -6.18
C LYS B 180 20.20 -13.98 -7.39
N LYS B 181 19.11 -14.72 -7.14
CA LYS B 181 18.36 -15.29 -8.27
C LYS B 181 17.63 -14.20 -9.03
N VAL B 182 17.01 -13.25 -8.32
CA VAL B 182 16.40 -12.10 -8.98
C VAL B 182 17.44 -11.35 -9.79
N GLN B 183 18.59 -11.08 -9.16
CA GLN B 183 19.65 -10.34 -9.85
C GLN B 183 20.19 -11.09 -11.07
N ALA B 184 20.11 -12.42 -11.06
CA ALA B 184 20.62 -13.19 -12.18
C ALA B 184 19.66 -13.28 -13.35
N ILE B 185 18.40 -12.88 -13.18
CA ILE B 185 17.45 -12.93 -14.30
C ILE B 185 17.98 -12.07 -15.44
N PRO B 186 18.08 -12.61 -16.66
CA PRO B 186 18.83 -11.87 -17.70
C PRO B 186 18.39 -10.43 -17.89
N ALA B 187 17.08 -10.17 -18.01
CA ALA B 187 16.61 -8.80 -18.20
C ALA B 187 16.94 -7.95 -17.00
N VAL B 188 16.81 -8.50 -15.79
CA VAL B 188 17.13 -7.76 -14.58
C VAL B 188 18.63 -7.51 -14.48
N ALA B 189 19.43 -8.55 -14.73
CA ALA B 189 20.88 -8.40 -14.68
C ALA B 189 21.35 -7.32 -15.64
N ASN B 190 20.76 -7.24 -16.84
CA ASN B 190 21.18 -6.22 -17.78
C ASN B 190 20.84 -4.83 -17.28
N TRP B 191 19.64 -4.67 -16.70
CA TRP B 191 19.27 -3.36 -16.15
C TRP B 191 20.21 -2.93 -15.04
N ILE B 192 20.60 -3.88 -14.17
CA ILE B 192 21.47 -3.53 -13.05
C ILE B 192 22.81 -3.03 -13.55
N LYS B 193 23.26 -3.52 -14.70
CA LYS B 193 24.57 -3.08 -15.23
C LYS B 193 24.49 -1.67 -15.81
N ARG B 194 23.43 -1.36 -16.55
CA ARG B 194 23.37 -0.10 -17.27
C ARG B 194 22.57 0.98 -16.55
N ARG B 195 21.99 0.68 -15.38
CA ARG B 195 21.27 1.72 -14.66
C ARG B 195 22.25 2.72 -14.05
N PRO B 196 21.88 3.99 -13.95
CA PRO B 196 22.78 4.96 -13.31
C PRO B 196 23.12 4.53 -11.89
N GLN B 197 24.39 4.65 -11.55
CA GLN B 197 24.86 4.28 -10.21
C GLN B 197 24.50 5.38 -9.23
N THR B 198 23.64 5.06 -8.27
CA THR B 198 23.25 6.00 -7.22
C THR B 198 23.35 5.30 -5.88
N LYS B 199 23.52 6.10 -4.82
CA LYS B 199 23.58 5.54 -3.48
C LYS B 199 22.28 4.82 -3.14
N LEU B 200 21.14 5.45 -3.40
CA LEU B 200 19.85 4.94 -3.01
C LEU B 200 18.90 4.85 -4.21
#